data_5J3U
#
_entry.id   5J3U
#
_cell.length_a   36.857
_cell.length_b   59.414
_cell.length_c   120.843
_cell.angle_alpha   90.000
_cell.angle_beta   90.000
_cell.angle_gamma   90.000
#
_symmetry.space_group_name_H-M   'P 2 21 21'
#
loop_
_entity.id
_entity.type
_entity.pdbx_description
1 polymer 'Protein Kinase A'
2 non-polymer "ADENOSINE-3',5'-CYCLIC-MONOPHOSPHATE"
3 non-polymer GLYCEROL
4 water water
#
_entity_poly.entity_id   1
_entity_poly.type   'polypeptide(L)'
_entity_poly.pdbx_seq_one_letter_code
;VYEKDEGQKEQLERILRQSFLFNSLDEKDLNTVILAMQEKKIEASTCLIREGDDGECLYIVQSGELNCSKLIDGEERVVK
VVGPGDAFGELALLYNAPRAATVTSVSACDLWELGRDTFNAIVKDAATKRRSMYDSFLKSVHILDGMDAYERGKVADALR
TEMFTDGAYIVRQGELGDVFYIVEEGSAVATKSFGPGQPPIEVKKYQAGDYFGELALINEEPRAANVIAHGICKVACLER
KSFKRLMGSVQDLLSKKASEY
;
_entity_poly.pdbx_strand_id   A
#
loop_
_chem_comp.id
_chem_comp.type
_chem_comp.name
_chem_comp.formula
CMP non-polymer ADENOSINE-3',5'-CYCLIC-MONOPHOSPHATE 'C10 H12 N5 O6 P'
GOL non-polymer GLYCEROL 'C3 H8 O3'
#
# COMPACT_ATOMS: atom_id res chain seq x y z
N VAL A 1 9.82 -27.69 -5.32
CA VAL A 1 10.09 -26.28 -5.70
C VAL A 1 8.84 -25.37 -5.62
N TYR A 2 7.66 -25.90 -5.94
CA TYR A 2 6.40 -25.20 -5.63
C TYR A 2 5.87 -25.54 -4.20
N GLU A 3 6.30 -26.68 -3.65
CA GLU A 3 5.89 -27.16 -2.30
C GLU A 3 6.20 -26.12 -1.23
N LYS A 4 5.19 -25.80 -0.43
CA LYS A 4 5.35 -24.90 0.72
C LYS A 4 4.53 -25.43 1.86
N ASP A 5 5.06 -25.35 3.07
CA ASP A 5 4.28 -25.74 4.23
C ASP A 5 3.36 -24.64 4.69
N GLU A 6 2.49 -24.97 5.64
CA GLU A 6 1.45 -24.07 6.07
C GLU A 6 2.05 -22.76 6.59
N GLY A 7 3.15 -22.84 7.38
CA GLY A 7 3.74 -21.63 7.97
C GLY A 7 4.24 -20.67 6.88
N GLN A 8 4.95 -21.25 5.94
CA GLN A 8 5.45 -20.50 4.78
C GLN A 8 4.34 -19.82 3.98
N LYS A 9 3.29 -20.58 3.66
CA LYS A 9 2.16 -20.03 2.92
C LYS A 9 1.50 -18.88 3.67
N GLU A 10 1.37 -19.01 4.98
CA GLU A 10 0.74 -17.97 5.78
C GLU A 10 1.56 -16.71 5.77
N GLN A 11 2.87 -16.79 5.95
CA GLN A 11 3.71 -15.58 5.95
C GLN A 11 3.72 -14.96 4.57
N LEU A 12 3.82 -15.80 3.56
CA LEU A 12 3.74 -15.31 2.17
C LEU A 12 2.40 -14.62 1.84
N GLU A 13 1.28 -15.18 2.28
CA GLU A 13 -0.01 -14.55 2.06
C GLU A 13 -0.09 -13.17 2.70
N ARG A 14 0.41 -13.06 3.95
CA ARG A 14 0.34 -11.79 4.67
C ARG A 14 1.11 -10.69 3.91
N ILE A 15 2.33 -10.99 3.49
CA ILE A 15 3.16 -9.98 2.80
C ILE A 15 2.61 -9.69 1.42
N LEU A 16 2.04 -10.68 0.75
CA LEU A 16 1.51 -10.43 -0.59
C LEU A 16 0.27 -9.56 -0.57
N ARG A 17 -0.63 -9.84 0.35
CA ARG A 17 -1.82 -9.05 0.49
C ARG A 17 -1.48 -7.59 0.77
N GLN A 18 -0.42 -7.33 1.54
CA GLN A 18 0.02 -5.93 1.77
C GLN A 18 0.83 -5.28 0.64
N SER A 19 1.27 -6.05 -0.34
CA SER A 19 2.14 -5.53 -1.38
C SER A 19 1.28 -4.77 -2.38
N PHE A 20 1.66 -3.54 -2.74
CA PHE A 20 0.81 -2.78 -3.64
C PHE A 20 0.33 -3.51 -4.89
N LEU A 21 1.19 -4.18 -5.65
CA LEU A 21 0.72 -4.76 -6.92
C LEU A 21 -0.24 -5.93 -6.74
N PHE A 22 -0.24 -6.54 -5.56
CA PHE A 22 -1.08 -7.73 -5.29
C PHE A 22 -2.31 -7.46 -4.47
N ASN A 23 -2.44 -6.25 -3.92
CA ASN A 23 -3.45 -5.98 -2.90
C ASN A 23 -4.88 -6.09 -3.39
N SER A 24 -5.12 -5.90 -4.68
CA SER A 24 -6.45 -5.99 -5.25
C SER A 24 -6.87 -7.42 -5.63
N LEU A 25 -5.98 -8.40 -5.51
CA LEU A 25 -6.36 -9.76 -5.93
C LEU A 25 -7.39 -10.38 -5.00
N ASP A 26 -8.37 -11.05 -5.58
CA ASP A 26 -9.23 -11.96 -4.76
C ASP A 26 -8.43 -13.15 -4.19
N GLU A 27 -9.00 -13.81 -3.18
CA GLU A 27 -8.24 -14.72 -2.35
C GLU A 27 -7.78 -15.94 -3.14
N LYS A 28 -8.59 -16.35 -4.12
CA LYS A 28 -8.14 -17.45 -4.95
C LYS A 28 -7.01 -17.10 -5.91
N ASP A 29 -7.06 -15.92 -6.50
CA ASP A 29 -5.94 -15.39 -7.35
C ASP A 29 -4.68 -15.20 -6.59
N LEU A 30 -4.83 -14.72 -5.34
CA LEU A 30 -3.68 -14.60 -4.50
C LEU A 30 -3.12 -16.02 -4.19
N ASN A 31 -4.00 -16.98 -3.91
CA ASN A 31 -3.57 -18.37 -3.72
C ASN A 31 -2.81 -18.97 -4.94
N THR A 32 -3.28 -18.71 -6.13
CA THR A 32 -2.59 -19.10 -7.36
C THR A 32 -1.20 -18.48 -7.54
N VAL A 33 -1.10 -17.18 -7.24
CA VAL A 33 0.23 -16.53 -7.17
C VAL A 33 1.11 -17.21 -6.12
N ILE A 34 0.59 -17.50 -4.94
CA ILE A 34 1.33 -18.18 -3.91
C ILE A 34 1.83 -19.54 -4.43
N LEU A 35 0.95 -20.24 -5.13
CA LEU A 35 1.35 -21.59 -5.68
C LEU A 35 2.55 -21.45 -6.62
N ALA A 36 2.50 -20.43 -7.47
CA ALA A 36 3.54 -20.15 -8.46
C ALA A 36 4.85 -19.67 -7.88
N MET A 37 4.84 -19.13 -6.68
CA MET A 37 6.04 -18.54 -6.11
C MET A 37 7.06 -19.59 -5.63
N GLN A 38 8.33 -19.29 -5.85
CA GLN A 38 9.41 -20.19 -5.41
C GLN A 38 10.32 -19.48 -4.46
N GLU A 39 10.66 -20.17 -3.37
CA GLU A 39 11.55 -19.59 -2.38
C GLU A 39 12.95 -19.39 -2.96
N LYS A 40 13.60 -18.31 -2.55
CA LYS A 40 14.98 -18.07 -2.93
C LYS A 40 15.73 -17.43 -1.78
N LYS A 41 16.75 -18.11 -1.29
CA LYS A 41 17.59 -17.62 -0.22
C LYS A 41 18.90 -17.22 -0.85
N ILE A 42 19.44 -16.09 -0.42
CA ILE A 42 20.73 -15.57 -0.87
C ILE A 42 21.52 -15.06 0.27
N GLU A 43 22.84 -15.09 0.14
CA GLU A 43 23.70 -14.60 1.21
C GLU A 43 23.87 -13.08 1.04
N ALA A 44 24.42 -12.41 2.05
CA ALA A 44 24.76 -11.01 1.92
C ALA A 44 25.70 -10.78 0.74
N SER A 45 25.63 -9.59 0.15
CA SER A 45 26.50 -9.18 -0.95
C SER A 45 26.40 -10.01 -2.21
N THR A 46 25.17 -10.41 -2.50
CA THR A 46 24.82 -11.12 -3.71
C THR A 46 24.19 -10.11 -4.69
N CYS A 47 24.76 -10.08 -5.88
CA CYS A 47 24.29 -9.23 -6.92
C CYS A 47 23.19 -9.92 -7.72
N LEU A 48 21.95 -9.78 -7.23
CA LEU A 48 20.78 -10.52 -7.77
C LEU A 48 20.25 -10.05 -9.08
N ILE A 49 20.05 -8.73 -9.26
CA ILE A 49 19.54 -8.19 -10.49
C ILE A 49 20.55 -7.18 -11.01
N ARG A 50 20.77 -7.16 -12.31
CA ARG A 50 21.76 -6.28 -12.88
C ARG A 50 21.10 -5.36 -13.88
N GLU A 51 21.35 -4.04 -13.71
CA GLU A 51 20.77 -3.03 -14.57
C GLU A 51 21.06 -3.35 -16.01
N GLY A 52 20.06 -3.18 -16.86
CA GLY A 52 20.22 -3.42 -18.30
C GLY A 52 19.87 -4.84 -18.78
N ASP A 53 19.89 -5.85 -17.89
CA ASP A 53 19.53 -7.22 -18.26
C ASP A 53 18.03 -7.35 -18.57
N ASP A 54 17.68 -8.40 -19.30
CA ASP A 54 16.27 -8.80 -19.43
C ASP A 54 15.74 -9.22 -18.04
N GLY A 55 14.50 -8.90 -17.75
CA GLY A 55 13.81 -9.37 -16.51
C GLY A 55 12.76 -10.45 -16.77
N GLU A 56 12.86 -11.58 -16.09
CA GLU A 56 11.83 -12.63 -16.26
C GLU A 56 11.15 -13.01 -14.99
N CYS A 57 11.41 -12.29 -13.91
CA CYS A 57 10.72 -12.50 -12.66
C CYS A 57 10.76 -11.25 -11.79
N LEU A 58 9.97 -11.28 -10.72
CA LEU A 58 10.04 -10.30 -9.66
C LEU A 58 10.21 -11.02 -8.36
N TYR A 59 10.56 -10.29 -7.33
CA TYR A 59 10.74 -10.82 -5.99
C TYR A 59 9.97 -10.05 -4.95
N ILE A 60 9.62 -10.74 -3.86
CA ILE A 60 9.20 -10.08 -2.66
C ILE A 60 10.02 -10.55 -1.47
N VAL A 61 10.31 -9.65 -0.55
CA VAL A 61 11.23 -9.95 0.51
C VAL A 61 10.47 -10.46 1.72
N GLN A 62 10.77 -11.67 2.15
CA GLN A 62 10.28 -12.13 3.47
C GLN A 62 11.20 -11.57 4.59
N SER A 63 12.51 -11.72 4.42
CA SER A 63 13.43 -11.11 5.38
C SER A 63 14.72 -10.74 4.68
N GLY A 64 15.43 -9.79 5.28
CA GLY A 64 16.68 -9.26 4.75
C GLY A 64 16.51 -7.89 4.16
N GLU A 65 17.64 -7.29 3.77
CA GLU A 65 17.69 -5.94 3.17
C GLU A 65 18.52 -5.97 1.90
N LEU A 66 18.11 -5.23 0.88
CA LEU A 66 18.86 -5.15 -0.38
C LEU A 66 18.96 -3.70 -0.81
N ASN A 67 20.02 -3.36 -1.54
CA ASN A 67 20.19 -2.03 -2.10
C ASN A 67 19.90 -2.11 -3.56
N CYS A 68 19.16 -1.13 -4.06
CA CYS A 68 18.91 -0.94 -5.50
C CYS A 68 19.82 0.23 -5.89
N SER A 69 20.55 0.08 -6.99
CA SER A 69 21.49 1.11 -7.43
C SER A 69 21.49 1.32 -8.94
N LYS A 70 21.93 2.52 -9.35
CA LYS A 70 22.06 2.85 -10.79
C LYS A 70 23.50 3.22 -11.12
N LEU A 71 23.98 2.75 -12.29
CA LEU A 71 25.35 3.05 -12.68
C LEU A 71 25.28 4.40 -13.40
N ILE A 72 25.76 5.44 -12.72
CA ILE A 72 25.67 6.80 -13.26
C ILE A 72 27.04 7.46 -13.08
N ASP A 73 27.56 7.97 -14.19
CA ASP A 73 28.85 8.70 -14.24
C ASP A 73 29.95 7.88 -13.59
N GLY A 74 30.02 6.64 -14.04
CA GLY A 74 30.97 5.65 -13.55
C GLY A 74 30.94 5.19 -12.10
N GLU A 75 29.92 5.52 -11.30
CA GLU A 75 29.83 4.95 -9.96
C GLU A 75 28.41 4.39 -9.71
N GLU A 76 28.31 3.38 -8.86
CA GLU A 76 27.00 2.82 -8.47
C GLU A 76 26.43 3.78 -7.47
N ARG A 77 25.21 4.24 -7.72
CA ARG A 77 24.54 5.17 -6.85
C ARG A 77 23.33 4.44 -6.26
N VAL A 78 23.30 4.27 -4.93
CA VAL A 78 22.22 3.59 -4.27
C VAL A 78 21.04 4.52 -4.27
N VAL A 79 19.91 4.00 -4.73
CA VAL A 79 18.71 4.79 -4.90
C VAL A 79 17.55 4.34 -4.02
N LYS A 80 17.60 3.13 -3.48
CA LYS A 80 16.50 2.65 -2.61
C LYS A 80 16.97 1.45 -1.85
N VAL A 81 16.61 1.37 -0.58
CA VAL A 81 16.84 0.19 0.21
C VAL A 81 15.47 -0.48 0.36
N VAL A 82 15.46 -1.79 0.16
CA VAL A 82 14.22 -2.57 0.25
C VAL A 82 14.43 -3.59 1.36
N GLY A 83 13.36 -3.86 2.07
CA GLY A 83 13.41 -4.77 3.20
C GLY A 83 12.12 -5.60 3.27
N PRO A 84 11.86 -6.17 4.45
CA PRO A 84 10.78 -7.16 4.57
C PRO A 84 9.46 -6.57 4.09
N GLY A 85 8.74 -7.33 3.25
CA GLY A 85 7.45 -6.94 2.73
C GLY A 85 7.53 -6.23 1.39
N ASP A 86 8.74 -5.80 0.98
CA ASP A 86 8.83 -4.98 -0.24
C ASP A 86 8.99 -5.88 -1.44
N ALA A 87 8.35 -5.49 -2.53
CA ALA A 87 8.50 -6.15 -3.82
C ALA A 87 9.55 -5.39 -4.64
N PHE A 88 10.32 -6.11 -5.44
CA PHE A 88 11.26 -5.48 -6.33
C PHE A 88 11.44 -6.33 -7.57
N GLY A 89 11.98 -5.72 -8.59
CA GLY A 89 12.05 -6.33 -9.90
C GLY A 89 10.77 -6.37 -10.65
N GLU A 90 9.79 -5.56 -10.25
CA GLU A 90 8.45 -5.53 -10.89
C GLU A 90 8.39 -4.62 -12.13
N LEU A 91 9.28 -3.62 -12.19
CA LEU A 91 9.21 -2.65 -13.28
C LEU A 91 9.43 -3.29 -14.63
N ALA A 92 10.41 -4.18 -14.74
CA ALA A 92 10.67 -4.87 -16.01
C ALA A 92 9.48 -5.69 -16.48
N LEU A 93 8.72 -6.19 -15.51
CA LEU A 93 7.50 -6.97 -15.82
C LEU A 93 6.33 -6.01 -16.11
N LEU A 94 6.19 -4.95 -15.32
CA LEU A 94 5.06 -4.02 -15.57
C LEU A 94 5.18 -3.30 -16.91
N TYR A 95 6.39 -2.91 -17.30
CA TYR A 95 6.58 -2.06 -18.47
C TYR A 95 7.31 -2.73 -19.64
N ASN A 96 7.67 -4.02 -19.51
CA ASN A 96 8.37 -4.75 -20.58
CA ASN A 96 8.35 -4.75 -20.60
C ASN A 96 9.67 -4.07 -21.01
N ALA A 97 10.48 -3.75 -20.01
CA ALA A 97 11.69 -2.98 -20.19
C ALA A 97 12.86 -3.67 -19.52
N PRO A 98 14.10 -3.29 -19.89
CA PRO A 98 15.22 -3.90 -19.22
C PRO A 98 15.23 -3.49 -17.75
N ARG A 99 15.91 -4.27 -16.93
CA ARG A 99 16.10 -3.87 -15.52
C ARG A 99 16.57 -2.39 -15.38
N ALA A 100 15.90 -1.60 -14.55
CA ALA A 100 16.17 -0.17 -14.38
C ALA A 100 17.21 0.15 -13.30
N ALA A 101 17.66 -0.86 -12.58
CA ALA A 101 18.60 -0.73 -11.49
C ALA A 101 19.20 -2.13 -11.21
N THR A 102 20.30 -2.14 -10.47
CA THR A 102 20.96 -3.32 -9.98
C THR A 102 20.51 -3.50 -8.52
N VAL A 103 20.25 -4.74 -8.12
CA VAL A 103 19.84 -4.98 -6.78
C VAL A 103 20.84 -5.93 -6.13
N THR A 104 21.37 -5.55 -4.98
CA THR A 104 22.36 -6.33 -4.27
C THR A 104 21.96 -6.53 -2.84
N SER A 105 22.06 -7.74 -2.32
CA SER A 105 21.73 -7.93 -0.90
C SER A 105 22.73 -7.31 0.02
N VAL A 106 22.22 -6.72 1.09
CA VAL A 106 23.03 -6.15 2.18
C VAL A 106 23.21 -7.18 3.32
N SER A 107 22.17 -7.95 3.59
CA SER A 107 22.21 -9.10 4.49
C SER A 107 21.77 -10.32 3.74
N ALA A 108 21.88 -11.48 4.41
CA ALA A 108 21.26 -12.73 3.96
C ALA A 108 19.77 -12.38 3.80
N CYS A 109 19.18 -12.85 2.72
CA CYS A 109 17.76 -12.61 2.44
C CYS A 109 16.99 -13.87 2.14
N ASP A 110 15.70 -13.82 2.46
N ASP A 110 15.72 -13.90 2.54
CA ASP A 110 14.76 -14.89 2.20
CA ASP A 110 14.79 -14.97 2.17
C ASP A 110 13.72 -14.22 1.31
C ASP A 110 13.74 -14.24 1.32
N LEU A 111 13.73 -14.59 0.04
CA LEU A 111 12.87 -14.01 -1.00
C LEU A 111 11.91 -15.06 -1.55
N TRP A 112 10.89 -14.57 -2.23
CA TRP A 112 9.98 -15.39 -2.99
C TRP A 112 9.95 -14.81 -4.36
N GLU A 113 10.10 -15.67 -5.33
CA GLU A 113 10.24 -15.31 -6.72
C GLU A 113 8.97 -15.66 -7.53
N LEU A 114 8.49 -14.73 -8.37
CA LEU A 114 7.35 -14.93 -9.23
C LEU A 114 7.75 -14.75 -10.68
N GLY A 115 7.43 -15.73 -11.51
CA GLY A 115 7.74 -15.65 -12.94
C GLY A 115 6.86 -14.70 -13.73
N ARG A 116 7.44 -14.19 -14.81
CA ARG A 116 6.77 -13.25 -15.69
C ARG A 116 5.45 -13.80 -16.25
N ASP A 117 5.42 -15.09 -16.62
CA ASP A 117 4.20 -15.64 -17.21
C ASP A 117 3.03 -15.62 -16.21
N THR A 118 3.30 -16.00 -14.98
CA THR A 118 2.23 -16.01 -13.96
C THR A 118 1.84 -14.56 -13.62
N PHE A 119 2.82 -13.71 -13.48
CA PHE A 119 2.53 -12.29 -13.29
C PHE A 119 1.63 -11.72 -14.40
N ASN A 120 1.97 -12.00 -15.64
CA ASN A 120 1.16 -11.57 -16.78
C ASN A 120 -0.20 -12.12 -16.78
N ALA A 121 -0.35 -13.40 -16.48
CA ALA A 121 -1.67 -14.05 -16.48
C ALA A 121 -2.62 -13.60 -15.35
N ILE A 122 -2.11 -13.45 -14.13
CA ILE A 122 -2.95 -13.30 -12.94
C ILE A 122 -2.96 -11.87 -12.37
N VAL A 123 -1.81 -11.19 -12.43
CA VAL A 123 -1.60 -9.92 -11.70
C VAL A 123 -1.63 -8.63 -12.52
N LYS A 124 -1.03 -8.65 -13.70
CA LYS A 124 -0.60 -7.41 -14.41
C LYS A 124 -1.81 -6.51 -14.75
N ASP A 125 -2.80 -7.08 -15.41
CA ASP A 125 -4.03 -6.35 -15.76
C ASP A 125 -4.78 -5.85 -14.52
N ALA A 126 -4.94 -6.68 -13.50
CA ALA A 126 -5.63 -6.31 -12.30
C ALA A 126 -4.94 -5.12 -11.62
N ALA A 127 -3.63 -5.21 -11.56
CA ALA A 127 -2.79 -4.18 -10.88
C ALA A 127 -2.91 -2.83 -11.60
N THR A 128 -2.76 -2.86 -12.94
CA THR A 128 -2.77 -1.63 -13.70
C THR A 128 -4.15 -1.03 -13.73
N LYS A 129 -5.18 -1.87 -13.78
CA LYS A 129 -6.53 -1.37 -13.66
C LYS A 129 -6.82 -0.73 -12.29
N ARG A 130 -6.37 -1.40 -11.23
N ARG A 130 -6.39 -1.38 -11.21
CA ARG A 130 -6.58 -0.86 -9.90
CA ARG A 130 -6.66 -0.84 -9.86
C ARG A 130 -5.98 0.55 -9.77
C ARG A 130 -5.95 0.53 -9.68
N ARG A 131 -4.75 0.70 -10.26
CA ARG A 131 -4.03 1.98 -10.20
C ARG A 131 -4.81 3.07 -10.93
N SER A 132 -5.30 2.73 -12.13
N SER A 132 -5.29 2.75 -12.13
CA SER A 132 -6.07 3.66 -12.92
CA SER A 132 -6.07 3.70 -12.92
C SER A 132 -7.38 4.05 -12.20
C SER A 132 -7.39 4.05 -12.22
N MET A 133 -8.02 3.07 -11.57
CA MET A 133 -9.26 3.31 -10.84
C MET A 133 -8.98 4.19 -9.60
N TYR A 134 -7.82 3.98 -8.96
CA TYR A 134 -7.44 4.88 -7.83
C TYR A 134 -7.23 6.29 -8.35
N ASP A 135 -6.55 6.43 -9.49
CA ASP A 135 -6.37 7.75 -10.04
C ASP A 135 -7.68 8.50 -10.36
N SER A 136 -8.62 7.77 -10.96
CA SER A 136 -9.94 8.25 -11.23
C SER A 136 -10.69 8.66 -10.01
N PHE A 137 -10.60 7.83 -8.97
CA PHE A 137 -11.28 8.05 -7.70
C PHE A 137 -10.75 9.33 -7.10
N LEU A 138 -9.45 9.45 -7.00
CA LEU A 138 -8.84 10.59 -6.26
C LEU A 138 -9.15 11.91 -6.95
N LYS A 139 -9.38 11.85 -8.25
CA LYS A 139 -9.71 13.05 -8.95
C LYS A 139 -11.04 13.59 -8.51
N SER A 140 -11.88 12.79 -7.88
N SER A 140 -11.90 12.76 -7.92
CA SER A 140 -13.12 13.27 -7.32
CA SER A 140 -13.16 13.21 -7.34
C SER A 140 -13.13 13.35 -5.80
C SER A 140 -13.13 13.47 -5.83
N VAL A 141 -11.96 13.35 -5.18
CA VAL A 141 -11.83 13.56 -3.74
C VAL A 141 -11.30 15.00 -3.53
N HIS A 142 -12.15 15.89 -3.04
CA HIS A 142 -11.85 17.34 -3.20
C HIS A 142 -10.73 17.93 -2.40
N ILE A 143 -10.39 17.28 -1.31
CA ILE A 143 -9.26 17.71 -0.53
C ILE A 143 -7.96 17.57 -1.32
N LEU A 144 -7.97 16.72 -2.38
CA LEU A 144 -6.80 16.64 -3.30
C LEU A 144 -6.89 17.52 -4.54
N ASP A 145 -7.89 18.39 -4.63
CA ASP A 145 -8.08 19.19 -5.83
C ASP A 145 -6.92 20.12 -6.15
N GLY A 146 -6.11 20.44 -5.15
CA GLY A 146 -4.99 21.33 -5.35
C GLY A 146 -3.78 20.66 -5.94
N MET A 147 -3.78 19.31 -5.89
CA MET A 147 -2.62 18.57 -6.39
C MET A 147 -2.64 18.57 -7.89
N ASP A 148 -1.49 18.47 -8.51
CA ASP A 148 -1.49 18.25 -9.93
C ASP A 148 -1.58 16.71 -10.16
N ALA A 149 -1.62 16.32 -11.44
CA ALA A 149 -1.85 14.91 -11.80
C ALA A 149 -0.78 14.04 -11.32
N TYR A 150 0.46 14.53 -11.35
N TYR A 150 0.49 14.46 -11.47
CA TYR A 150 1.57 13.71 -10.87
CA TYR A 150 1.59 13.55 -11.15
C TYR A 150 1.51 13.53 -9.35
C TYR A 150 1.54 13.21 -9.67
N GLU A 151 1.25 14.60 -8.57
N GLU A 151 1.26 14.27 -8.90
CA GLU A 151 1.13 14.44 -7.12
CA GLU A 151 1.21 14.24 -7.43
C GLU A 151 0.04 13.40 -6.77
C GLU A 151 0.07 13.33 -6.93
N ARG A 152 -1.12 13.55 -7.40
N ARG A 152 -1.09 13.53 -7.51
CA ARG A 152 -2.24 12.66 -7.13
CA ARG A 152 -2.23 12.71 -7.19
C ARG A 152 -1.90 11.23 -7.54
C ARG A 152 -1.93 11.26 -7.55
N GLY A 153 -1.24 11.06 -8.68
CA GLY A 153 -0.81 9.74 -9.12
C GLY A 153 0.12 9.06 -8.15
N LYS A 154 0.98 9.82 -7.50
CA LYS A 154 1.85 9.24 -6.47
C LYS A 154 1.11 8.73 -5.26
N VAL A 155 0.08 9.47 -4.84
CA VAL A 155 -0.81 9.04 -3.74
C VAL A 155 -1.52 7.76 -4.18
N ALA A 156 -2.08 7.77 -5.39
CA ALA A 156 -2.79 6.60 -5.94
C ALA A 156 -1.92 5.32 -5.90
N ASP A 157 -0.65 5.48 -6.22
CA ASP A 157 0.36 4.41 -6.19
C ASP A 157 0.67 3.87 -4.80
N ALA A 158 0.34 4.61 -3.74
CA ALA A 158 0.53 4.20 -2.34
C ALA A 158 -0.76 3.75 -1.59
N LEU A 159 -1.87 3.63 -2.30
CA LEU A 159 -3.13 3.19 -1.68
C LEU A 159 -3.33 1.69 -1.65
N ARG A 160 -3.95 1.21 -0.57
CA ARG A 160 -4.49 -0.15 -0.44
C ARG A 160 -5.96 -0.07 -0.18
N THR A 161 -6.70 -1.14 -0.44
CA THR A 161 -8.16 -1.16 -0.22
C THR A 161 -8.49 -2.15 0.84
N GLU A 162 -9.41 -1.81 1.71
CA GLU A 162 -9.92 -2.75 2.72
C GLU A 162 -11.47 -2.67 2.77
N MET A 163 -12.13 -3.80 3.00
N MET A 163 -12.13 -3.80 3.02
CA MET A 163 -13.61 -3.88 3.08
CA MET A 163 -13.60 -3.86 3.09
C MET A 163 -13.98 -4.17 4.53
C MET A 163 -14.00 -4.19 4.51
N PHE A 164 -15.00 -3.48 5.04
CA PHE A 164 -15.48 -3.66 6.38
C PHE A 164 -17.00 -3.88 6.31
N THR A 165 -17.48 -4.91 6.98
CA THR A 165 -18.92 -5.17 7.05
C THR A 165 -19.57 -4.39 8.14
N ASP A 166 -20.92 -4.43 8.17
CA ASP A 166 -21.64 -3.60 9.08
C ASP A 166 -21.21 -3.82 10.53
N GLY A 167 -20.97 -2.72 11.23
CA GLY A 167 -20.63 -2.69 12.66
C GLY A 167 -19.14 -2.87 12.95
N ALA A 168 -18.33 -3.21 11.95
CA ALA A 168 -16.88 -3.42 12.13
C ALA A 168 -16.21 -2.07 12.38
N TYR A 169 -15.34 -2.00 13.39
CA TYR A 169 -14.65 -0.76 13.71
C TYR A 169 -13.48 -0.66 12.76
N ILE A 170 -13.40 0.45 12.05
CA ILE A 170 -12.24 0.73 11.19
C ILE A 170 -11.10 1.35 12.05
N VAL A 171 -11.46 2.31 12.90
CA VAL A 171 -10.57 2.80 13.94
C VAL A 171 -11.34 2.87 15.25
N ARG A 172 -10.58 2.74 16.34
CA ARG A 172 -11.12 2.83 17.70
C ARG A 172 -10.49 4.02 18.46
N GLN A 173 -11.31 4.73 19.21
CA GLN A 173 -10.87 5.87 19.94
C GLN A 173 -9.83 5.42 20.97
N GLY A 174 -8.74 6.15 21.03
CA GLY A 174 -7.64 5.88 21.95
C GLY A 174 -6.56 4.95 21.43
N GLU A 175 -6.70 4.36 20.22
CA GLU A 175 -5.68 3.45 19.67
CA GLU A 175 -5.65 3.46 19.71
C GLU A 175 -4.64 4.25 18.88
N LEU A 176 -3.48 3.63 18.61
CA LEU A 176 -2.44 4.26 17.82
C LEU A 176 -3.00 4.33 16.43
N GLY A 177 -2.75 5.43 15.76
CA GLY A 177 -3.19 5.59 14.37
C GLY A 177 -2.04 5.87 13.42
N ASP A 178 -1.92 5.00 12.41
CA ASP A 178 -0.89 5.11 11.40
C ASP A 178 -1.46 4.97 9.98
N VAL A 179 -2.77 5.21 9.84
CA VAL A 179 -3.43 5.06 8.49
C VAL A 179 -4.44 6.18 8.27
N PHE A 180 -4.42 6.75 7.07
CA PHE A 180 -5.40 7.75 6.61
C PHE A 180 -6.35 7.02 5.67
N TYR A 181 -7.67 7.26 5.81
CA TYR A 181 -8.70 6.59 5.06
C TYR A 181 -9.59 7.52 4.22
N ILE A 182 -9.93 7.08 3.02
CA ILE A 182 -10.92 7.73 2.19
C ILE A 182 -11.96 6.65 1.80
N VAL A 183 -13.24 6.96 1.95
CA VAL A 183 -14.25 6.02 1.68
C VAL A 183 -14.39 5.96 0.16
N GLU A 184 -14.20 4.80 -0.41
CA GLU A 184 -14.42 4.60 -1.86
C GLU A 184 -15.90 4.39 -2.21
N GLU A 185 -16.55 3.53 -1.41
CA GLU A 185 -17.98 3.21 -1.53
C GLU A 185 -18.49 2.79 -0.16
N GLY A 186 -19.80 2.86 0.04
CA GLY A 186 -20.41 2.54 1.32
C GLY A 186 -20.43 3.68 2.28
N SER A 187 -20.48 3.37 3.58
N SER A 187 -20.55 3.37 3.56
CA SER A 187 -20.79 4.35 4.56
CA SER A 187 -20.70 4.42 4.55
C SER A 187 -20.16 3.98 5.90
C SER A 187 -20.16 3.99 5.89
N ALA A 188 -19.98 4.97 6.73
CA ALA A 188 -19.43 4.80 8.11
C ALA A 188 -19.94 5.87 8.96
N VAL A 189 -19.82 5.66 10.28
CA VAL A 189 -20.14 6.64 11.27
C VAL A 189 -18.97 6.83 12.26
N ALA A 190 -18.73 8.06 12.63
CA ALA A 190 -17.79 8.40 13.69
C ALA A 190 -18.58 8.56 14.97
N THR A 191 -18.10 7.92 16.03
CA THR A 191 -18.67 8.13 17.38
C THR A 191 -17.53 8.49 18.28
N LYS A 192 -17.81 9.33 19.27
CA LYS A 192 -16.81 9.88 20.12
C LYS A 192 -17.30 9.97 21.55
N SER A 193 -16.49 9.45 22.46
CA SER A 193 -16.64 9.68 23.93
C SER A 193 -15.99 11.01 24.24
N PHE A 194 -16.76 11.93 24.79
CA PHE A 194 -16.26 13.25 25.19
C PHE A 194 -15.56 13.30 26.57
N GLY A 195 -15.43 12.20 27.25
CA GLY A 195 -14.63 12.18 28.50
C GLY A 195 -14.71 10.82 29.15
N PRO A 196 -13.82 10.58 30.15
CA PRO A 196 -13.78 9.35 30.92
C PRO A 196 -15.17 9.05 31.46
N GLY A 197 -15.59 7.80 31.34
CA GLY A 197 -16.92 7.37 31.73
C GLY A 197 -18.12 7.85 30.94
N GLN A 198 -17.92 8.52 29.81
CA GLN A 198 -19.01 8.97 28.95
C GLN A 198 -19.06 8.05 27.73
N PRO A 199 -20.22 7.47 27.44
CA PRO A 199 -20.33 6.60 26.28
C PRO A 199 -20.15 7.42 25.02
N PRO A 200 -19.68 6.79 23.97
CA PRO A 200 -19.51 7.57 22.73
C PRO A 200 -20.85 7.96 22.11
N ILE A 201 -20.89 9.10 21.46
CA ILE A 201 -22.08 9.53 20.73
C ILE A 201 -21.73 9.74 19.27
N GLU A 202 -22.71 9.54 18.41
CA GLU A 202 -22.46 9.73 16.99
C GLU A 202 -22.17 11.18 16.73
N VAL A 203 -21.11 11.47 15.98
CA VAL A 203 -20.65 12.81 15.67
C VAL A 203 -20.49 13.09 14.16
N LYS A 204 -20.56 12.07 13.32
CA LYS A 204 -20.44 12.34 11.85
C LYS A 204 -20.87 11.11 11.13
N LYS A 205 -21.43 11.28 9.91
CA LYS A 205 -21.79 10.18 9.06
C LYS A 205 -20.96 10.35 7.80
N TYR A 206 -20.34 9.28 7.32
CA TYR A 206 -19.47 9.38 6.12
C TYR A 206 -20.15 8.71 4.97
N GLN A 207 -19.88 9.22 3.78
CA GLN A 207 -20.31 8.61 2.52
C GLN A 207 -19.11 8.56 1.57
N ALA A 208 -19.36 7.98 0.40
CA ALA A 208 -18.28 7.84 -0.60
C ALA A 208 -17.62 9.18 -0.90
N GLY A 209 -16.27 9.20 -0.86
CA GLY A 209 -15.51 10.39 -1.11
C GLY A 209 -15.05 11.12 0.12
N ASP A 210 -15.64 10.81 1.28
CA ASP A 210 -15.20 11.45 2.54
C ASP A 210 -13.94 10.80 3.10
N TYR A 211 -13.16 11.56 3.88
CA TYR A 211 -11.93 11.04 4.48
C TYR A 211 -12.06 11.06 6.00
N PHE A 212 -11.23 10.25 6.64
CA PHE A 212 -11.13 10.29 8.11
C PHE A 212 -9.79 9.69 8.52
N GLY A 213 -9.40 9.86 9.80
CA GLY A 213 -8.20 9.26 10.31
C GLY A 213 -7.00 10.14 10.10
N GLU A 214 -7.20 11.43 9.78
CA GLU A 214 -6.08 12.33 9.57
C GLU A 214 -5.52 12.87 10.89
N LEU A 215 -6.36 12.99 11.92
CA LEU A 215 -5.94 13.70 13.12
C LEU A 215 -4.79 13.02 13.84
N ALA A 216 -4.80 11.69 13.93
CA ALA A 216 -3.69 10.98 14.60
C ALA A 216 -2.37 11.21 13.86
N LEU A 217 -2.43 11.34 12.54
CA LEU A 217 -1.22 11.56 11.71
C LEU A 217 -0.69 12.97 11.85
N ILE A 218 -1.58 13.97 11.77
CA ILE A 218 -1.21 15.35 11.83
C ILE A 218 -0.79 15.77 13.24
N ASN A 219 -1.50 15.27 14.24
CA ASN A 219 -1.29 15.72 15.64
C ASN A 219 -0.44 14.80 16.45
N GLU A 220 -0.11 13.61 15.90
CA GLU A 220 0.71 12.65 16.58
C GLU A 220 0.08 12.23 17.91
N GLU A 221 -1.22 11.93 17.83
CA GLU A 221 -2.03 11.62 19.01
C GLU A 221 -2.79 10.32 18.75
N PRO A 222 -3.36 9.73 19.81
CA PRO A 222 -4.19 8.56 19.58
C PRO A 222 -5.43 8.99 18.82
N ARG A 223 -6.07 8.01 18.23
CA ARG A 223 -7.34 8.26 17.53
C ARG A 223 -8.32 8.99 18.42
N ALA A 224 -8.93 10.04 17.90
CA ALA A 224 -9.85 10.91 18.63
C ALA A 224 -11.35 10.45 18.62
N ALA A 225 -11.66 9.41 17.86
CA ALA A 225 -13.02 8.89 17.72
C ALA A 225 -12.96 7.47 17.17
N ASN A 226 -14.07 6.74 17.32
CA ASN A 226 -14.31 5.52 16.63
C ASN A 226 -14.81 5.85 15.24
N VAL A 227 -14.44 5.06 14.26
CA VAL A 227 -15.13 5.07 12.91
C VAL A 227 -15.58 3.67 12.62
N ILE A 228 -16.89 3.50 12.44
CA ILE A 228 -17.49 2.21 12.34
C ILE A 228 -18.23 2.04 10.98
N ALA A 229 -18.02 0.92 10.32
CA ALA A 229 -18.69 0.70 9.01
C ALA A 229 -20.23 0.62 9.24
N HIS A 230 -20.97 1.25 8.36
CA HIS A 230 -22.44 1.38 8.45
C HIS A 230 -23.01 0.77 7.17
N GLY A 231 -23.60 -0.42 7.29
CA GLY A 231 -24.00 -1.21 6.12
C GLY A 231 -22.85 -2.02 5.58
N ILE A 232 -21.93 -1.33 4.93
CA ILE A 232 -20.72 -1.86 4.43
C ILE A 232 -19.84 -0.66 4.03
N CYS A 233 -18.51 -0.80 4.10
CA CYS A 233 -17.65 0.29 3.78
C CYS A 233 -16.39 -0.22 3.13
N LYS A 234 -16.07 0.33 1.97
CA LYS A 234 -14.83 0.03 1.22
C LYS A 234 -13.96 1.26 1.29
N VAL A 235 -12.77 1.14 1.88
CA VAL A 235 -11.91 2.25 2.14
C VAL A 235 -10.58 2.09 1.42
N ALA A 236 -10.12 3.21 0.87
CA ALA A 236 -8.75 3.40 0.45
C ALA A 236 -7.93 3.80 1.66
N CYS A 237 -6.71 3.28 1.74
CA CYS A 237 -5.87 3.37 2.96
C CYS A 237 -4.49 3.86 2.56
N LEU A 238 -4.01 4.90 3.22
CA LEU A 238 -2.68 5.50 3.02
C LEU A 238 -1.92 5.49 4.35
N GLU A 239 -0.78 4.81 4.38
CA GLU A 239 0.05 4.70 5.60
C GLU A 239 0.69 6.01 5.95
N ARG A 240 0.96 6.18 7.25
CA ARG A 240 1.53 7.41 7.81
C ARG A 240 2.72 7.98 7.07
N LYS A 241 3.67 7.11 6.74
CA LYS A 241 4.87 7.56 6.06
C LYS A 241 4.54 8.14 4.68
N SER A 242 3.65 7.47 3.94
CA SER A 242 3.20 7.98 2.63
C SER A 242 2.40 9.25 2.76
N PHE A 243 1.55 9.33 3.79
CA PHE A 243 0.81 10.54 4.04
C PHE A 243 1.73 11.76 4.23
N LYS A 244 2.70 11.59 5.11
CA LYS A 244 3.67 12.66 5.39
C LYS A 244 4.51 13.00 4.14
N ARG A 245 4.89 12.01 3.34
CA ARG A 245 5.81 12.26 2.22
C ARG A 245 5.16 12.66 0.92
N LEU A 246 3.85 12.39 0.77
CA LEU A 246 3.15 12.58 -0.49
C LEU A 246 2.03 13.62 -0.48
N MET A 247 1.50 13.96 0.69
CA MET A 247 0.30 14.83 0.74
C MET A 247 0.66 16.29 0.65
N GLY A 248 1.95 16.62 0.79
CA GLY A 248 2.34 18.03 0.65
C GLY A 248 1.50 18.98 1.45
N SER A 249 1.15 20.10 0.85
CA SER A 249 0.40 21.14 1.54
C SER A 249 -1.05 20.76 1.83
N VAL A 250 -1.52 19.62 1.29
CA VAL A 250 -2.85 19.13 1.74
C VAL A 250 -2.86 18.88 3.28
N GLN A 251 -1.71 18.60 3.84
CA GLN A 251 -1.59 18.44 5.31
C GLN A 251 -1.96 19.71 6.06
N ASP A 252 -1.58 20.84 5.45
CA ASP A 252 -1.94 22.17 6.00
C ASP A 252 -3.42 22.42 5.88
N LEU A 253 -4.00 22.05 4.74
CA LEU A 253 -5.46 22.17 4.58
C LEU A 253 -6.20 21.34 5.61
N LEU A 254 -5.73 20.11 5.82
CA LEU A 254 -6.37 19.21 6.75
C LEU A 254 -6.25 19.74 8.17
N SER A 255 -5.12 20.34 8.46
CA SER A 255 -4.87 20.89 9.80
C SER A 255 -5.81 22.06 10.07
N LYS A 256 -5.96 22.94 9.10
CA LYS A 256 -6.85 24.08 9.27
C LYS A 256 -8.33 23.65 9.33
N LYS A 257 -8.72 22.67 8.52
CA LYS A 257 -10.09 22.15 8.56
C LYS A 257 -10.47 21.40 9.84
N ALA A 258 -9.48 20.98 10.62
CA ALA A 258 -9.73 20.34 11.90
C ALA A 258 -10.62 21.13 12.86
N SER A 259 -10.60 22.44 12.77
CA SER A 259 -11.49 23.25 13.61
C SER A 259 -12.99 23.04 13.31
N GLU A 260 -13.33 22.52 12.15
CA GLU A 260 -14.71 22.16 11.87
C GLU A 260 -15.30 20.99 12.70
N TYR A 261 -14.47 20.18 13.37
CA TYR A 261 -14.99 19.04 14.17
C TYR A 261 -15.78 19.41 15.46
P CMP B . -8.40 10.34 13.98
O1P CMP B . -7.13 9.94 13.34
O2P CMP B . -8.32 10.98 15.38
O5' CMP B . -9.32 9.03 14.06
C5' CMP B . -10.71 9.24 14.42
C4' CMP B . -11.25 10.11 13.28
O4' CMP B . -12.63 10.50 13.42
C3' CMP B . -10.57 11.47 13.31
O3' CMP B . -9.20 11.30 12.95
C2' CMP B . -11.43 12.28 12.37
O2' CMP B . -11.11 11.98 10.97
C1' CMP B . -12.79 11.65 12.62
N9 CMP B . -13.68 12.52 13.32
C8 CMP B . -14.97 12.70 12.94
N7 CMP B . -15.61 13.55 13.82
C5 CMP B . -14.72 13.89 14.78
C6 CMP B . -14.72 14.75 16.00
N6 CMP B . -15.84 15.44 16.39
N1 CMP B . -13.56 14.82 16.67
C2 CMP B . -12.43 14.14 16.36
N3 CMP B . -12.37 13.34 15.25
C4 CMP B . -13.45 13.21 14.44
P CMP C . 13.32 -3.64 -12.26
O1P CMP C . 13.72 -2.47 -13.20
O2P CMP C . 12.65 -4.81 -12.92
O5' CMP C . 14.74 -4.09 -11.65
C5' CMP C . 15.43 -3.15 -10.83
C4' CMP C . 14.52 -2.77 -9.68
O4' CMP C . 15.04 -1.91 -8.72
C3' CMP C . 13.24 -2.15 -10.16
O3' CMP C . 12.53 -3.11 -10.95
C2' CMP C . 12.68 -1.75 -8.83
O2' CMP C . 11.98 -2.82 -8.23
C1' CMP C . 13.92 -1.41 -8.00
N9 CMP C . 14.09 0.05 -7.80
C8 CMP C . 14.04 0.67 -6.58
N7 CMP C . 14.19 2.02 -6.74
C5 CMP C . 14.28 2.26 -8.03
C6 CMP C . 14.43 3.49 -8.83
N6 CMP C . 14.50 4.72 -8.24
N1 CMP C . 14.49 3.34 -10.15
C2 CMP C . 14.39 2.14 -10.80
N3 CMP C . 14.27 0.97 -10.12
C4 CMP C . 14.21 0.98 -8.76
C1 GOL D . -16.18 4.82 26.80
O1 GOL D . -16.75 3.51 26.54
C2 GOL D . -15.70 4.85 28.24
O2 GOL D . -15.02 3.62 28.53
C3 GOL D . -14.75 5.99 28.47
O3 GOL D . -14.39 5.94 29.85
C1 GOL E . -14.07 16.60 7.50
O1 GOL E . -15.20 16.11 6.73
C2 GOL E . -14.16 18.09 7.89
O2 GOL E . -15.16 18.30 8.91
C3 GOL E . -12.87 18.60 8.52
O3 GOL E . -11.69 18.13 7.85
#